data_3RDP
#
_entry.id   3RDP
#
_cell.length_a   114.187
_cell.length_b   118.283
_cell.length_c   108.871
_cell.angle_alpha   90.00
_cell.angle_beta   90.00
_cell.angle_gamma   90.00
#
_symmetry.space_group_name_H-M   'C 2 2 21'
#
loop_
_entity.id
_entity.type
_entity.pdbx_description
1 polymer 'Thymidine kinase'
2 non-polymer 'SULFATE ION'
3 non-polymer 6-[(2R)-2-(fluoromethyl)-3-hydroxy-propyl]-1,5-dimethyl-pyrimidine-2,4-dione
4 water water
#
_entity_poly.entity_id   1
_entity_poly.type   'polypeptide(L)'
_entity_poly.pdbx_seq_one_letter_code
;MPTLLRVYIDGPHGMGKTTTTQLLVALGSRDDIVYVPEPMTYWRVLGASETIANIYTTQHRLDQGEISAGDAAVVMTSAQ
ITMGMPYAVTDAVLAPHIGGEAGSSHAPPPALTLIFDRHPIAALLCYPAARYLMGSMTPQAVLAFVALIPPTLPGTNIVL
GALPEDRHIDRLAKRQRPGERLDLAMLAAIRRVYGLLANTVRYLQCGGSWREDWGQLSGTAVPPQGAEPQSNAGPRPHIG
DTLFTLFRAPELLAPNGDLYNVFAWALDVLAKRLRSMHVFILDYDQSPAGCRDALLQLTSGMVQTHVTTPGSIPTICDLA
RTFAREMGEAN
;
_entity_poly.pdbx_strand_id   A,B
#
# COMPACT_ATOMS: atom_id res chain seq x y z
N MET A 1 -20.90 22.48 5.99
CA MET A 1 -20.49 21.79 4.78
C MET A 1 -21.48 20.69 4.40
N PRO A 2 -21.64 20.44 3.09
CA PRO A 2 -22.57 19.42 2.60
C PRO A 2 -22.18 18.02 3.07
N THR A 3 -23.16 17.14 3.23
CA THR A 3 -22.90 15.80 3.74
C THR A 3 -22.78 14.78 2.61
N LEU A 4 -22.08 13.69 2.89
CA LEU A 4 -21.85 12.64 1.90
C LEU A 4 -22.07 11.25 2.49
N LEU A 5 -22.53 10.33 1.66
CA LEU A 5 -22.74 8.94 2.09
C LEU A 5 -21.99 7.99 1.16
N ARG A 6 -20.99 7.30 1.71
CA ARG A 6 -20.23 6.33 0.93
C ARG A 6 -20.68 4.90 1.19
N VAL A 7 -21.06 4.20 0.12
CA VAL A 7 -21.53 2.83 0.23
C VAL A 7 -20.71 1.90 -0.65
N TYR A 8 -19.96 1.01 -0.02
CA TYR A 8 -19.13 0.05 -0.74
C TYR A 8 -19.83 -1.29 -0.84
N ILE A 9 -20.36 -1.61 -2.03
CA ILE A 9 -21.00 -2.89 -2.25
C ILE A 9 -19.94 -3.97 -2.42
N ASP A 10 -19.77 -4.81 -1.41
CA ASP A 10 -18.73 -5.82 -1.43
C ASP A 10 -19.28 -7.23 -1.26
N GLY A 11 -18.49 -8.12 -0.67
CA GLY A 11 -18.85 -9.52 -0.53
C GLY A 11 -18.34 -10.34 -1.69
N PRO A 12 -18.53 -11.67 -1.63
CA PRO A 12 -18.10 -12.57 -2.71
C PRO A 12 -18.81 -12.25 -4.03
N HIS A 13 -18.06 -12.32 -5.13
CA HIS A 13 -18.62 -12.05 -6.46
C HIS A 13 -19.47 -13.22 -6.95
N GLY A 14 -20.52 -12.91 -7.69
CA GLY A 14 -21.36 -13.92 -8.31
C GLY A 14 -22.68 -14.14 -7.60
N MET A 15 -22.99 -13.30 -6.62
CA MET A 15 -24.23 -13.46 -5.85
C MET A 15 -25.39 -12.71 -6.49
N GLY A 16 -25.09 -11.59 -7.13
CA GLY A 16 -26.12 -10.77 -7.75
C GLY A 16 -26.36 -11.10 -9.21
N LYS A 17 -27.20 -10.30 -9.86
CA LYS A 17 -27.50 -10.47 -11.27
C LYS A 17 -27.06 -9.22 -12.04
N THR A 18 -27.09 -9.29 -13.36
CA THR A 18 -26.76 -8.13 -14.19
C THR A 18 -27.87 -7.10 -14.08
N THR A 19 -29.10 -7.57 -13.97
CA THR A 19 -30.25 -6.70 -13.76
C THR A 19 -30.15 -6.03 -12.41
N THR A 20 -29.69 -6.78 -11.41
CA THR A 20 -29.46 -6.24 -10.07
C THR A 20 -28.40 -5.15 -10.11
N THR A 21 -27.51 -5.25 -11.09
CA THR A 21 -26.41 -4.28 -11.25
C THR A 21 -26.85 -3.07 -12.08
N GLN A 22 -27.66 -3.30 -13.11
CA GLN A 22 -28.13 -2.23 -13.98
C GLN A 22 -29.06 -1.27 -13.24
N LEU A 23 -29.81 -1.79 -12.28
CA LEU A 23 -30.66 -0.95 -11.44
C LEU A 23 -29.77 0.08 -10.75
N LEU A 24 -28.57 -0.36 -10.36
CA LEU A 24 -27.60 0.48 -9.68
C LEU A 24 -27.02 1.51 -10.66
N VAL A 25 -27.02 1.16 -11.94
CA VAL A 25 -26.64 2.09 -12.99
C VAL A 25 -27.77 3.10 -13.20
N ALA A 26 -29.00 2.64 -12.97
CA ALA A 26 -30.17 3.50 -13.09
C ALA A 26 -30.30 4.39 -11.85
N LEU A 27 -29.68 3.95 -10.75
CA LEU A 27 -29.62 4.74 -9.53
C LEU A 27 -28.74 5.98 -9.75
N GLY A 28 -27.59 5.78 -10.37
CA GLY A 28 -26.65 6.84 -10.63
C GLY A 28 -27.13 7.82 -11.69
N SER A 29 -28.22 7.46 -12.37
CA SER A 29 -28.80 8.31 -13.39
C SER A 29 -29.02 9.73 -12.86
N ARG A 30 -29.60 9.83 -11.67
CA ARG A 30 -29.78 11.11 -11.01
C ARG A 30 -28.45 11.64 -10.47
N ASP A 31 -28.40 12.95 -10.20
CA ASP A 31 -27.15 13.60 -9.83
C ASP A 31 -26.90 13.65 -8.33
N ASP A 32 -27.84 13.12 -7.55
CA ASP A 32 -27.67 13.01 -6.10
C ASP A 32 -27.06 11.66 -5.74
N ILE A 33 -26.78 10.86 -6.76
CA ILE A 33 -26.21 9.53 -6.59
C ILE A 33 -25.29 9.20 -7.77
N VAL A 34 -24.14 8.62 -7.48
CA VAL A 34 -23.21 8.19 -8.52
C VAL A 34 -22.74 6.77 -8.27
N TYR A 35 -22.60 5.99 -9.33
CA TYR A 35 -22.26 4.58 -9.21
C TYR A 35 -20.94 4.24 -9.86
N VAL A 36 -19.87 4.23 -9.06
CA VAL A 36 -18.55 3.79 -9.53
C VAL A 36 -18.58 2.28 -9.76
N PRO A 37 -18.52 1.86 -11.03
CA PRO A 37 -18.62 0.45 -11.43
C PRO A 37 -17.28 -0.26 -11.32
N GLU A 38 -17.25 -1.55 -11.65
CA GLU A 38 -16.01 -2.31 -11.63
C GLU A 38 -15.12 -1.89 -12.79
N PRO A 39 -13.82 -1.82 -12.56
CA PRO A 39 -12.82 -1.38 -13.55
C PRO A 39 -12.36 -2.53 -14.43
N MET A 40 -13.31 -3.22 -15.08
CA MET A 40 -12.98 -4.36 -15.91
C MET A 40 -11.98 -4.00 -17.01
N THR A 41 -12.16 -2.84 -17.61
CA THR A 41 -11.30 -2.40 -18.71
C THR A 41 -9.83 -2.28 -18.27
N TYR A 42 -9.63 -1.87 -17.02
CA TYR A 42 -8.29 -1.78 -16.47
C TYR A 42 -7.71 -3.17 -16.25
N TRP A 43 -8.56 -4.12 -15.87
CA TRP A 43 -8.11 -5.48 -15.61
C TRP A 43 -7.75 -6.22 -16.90
N ARG A 44 -8.39 -5.85 -18.00
CA ARG A 44 -8.23 -6.57 -19.26
C ARG A 44 -7.25 -5.90 -20.23
N VAL A 45 -7.07 -4.59 -20.09
CA VAL A 45 -6.22 -3.84 -21.01
C VAL A 45 -5.28 -2.85 -20.33
N LEU A 46 -5.84 -1.95 -19.54
CA LEU A 46 -5.07 -0.85 -18.95
C LEU A 46 -3.92 -1.33 -18.07
N GLY A 47 -4.26 -1.92 -16.92
CA GLY A 47 -3.25 -2.39 -15.99
C GLY A 47 -2.39 -3.50 -16.57
N ALA A 48 -3.05 -4.46 -17.22
CA ALA A 48 -2.35 -5.58 -17.85
C ALA A 48 -3.30 -6.30 -18.79
N SER A 49 -2.80 -7.38 -19.40
CA SER A 49 -3.59 -8.15 -20.35
C SER A 49 -4.33 -9.31 -19.67
N GLU A 50 -5.66 -9.29 -19.76
CA GLU A 50 -6.49 -10.36 -19.22
C GLU A 50 -5.98 -10.85 -17.87
N THR A 51 -6.13 -10.03 -16.83
CA THR A 51 -5.63 -10.35 -15.51
C THR A 51 -6.39 -11.52 -14.87
N ILE A 52 -7.72 -11.43 -14.85
CA ILE A 52 -8.55 -12.46 -14.26
C ILE A 52 -8.23 -13.84 -14.82
N ALA A 53 -8.01 -13.90 -16.13
CA ALA A 53 -7.62 -15.14 -16.79
C ALA A 53 -6.33 -15.69 -16.20
N ASN A 54 -5.33 -14.82 -16.07
CA ASN A 54 -4.03 -15.21 -15.54
C ASN A 54 -4.17 -15.76 -14.12
N ILE A 55 -5.14 -15.23 -13.37
CA ILE A 55 -5.39 -15.68 -12.02
C ILE A 55 -5.94 -17.11 -11.99
N TYR A 56 -6.98 -17.34 -12.78
CA TYR A 56 -7.66 -18.64 -12.78
C TYR A 56 -6.88 -19.72 -13.53
N THR A 57 -6.06 -19.30 -14.49
CA THR A 57 -5.21 -20.24 -15.22
C THR A 57 -4.08 -20.71 -14.33
N THR A 58 -3.49 -19.78 -13.59
CA THR A 58 -2.42 -20.09 -12.64
C THR A 58 -2.88 -21.10 -11.60
N GLN A 59 -4.05 -20.87 -11.03
CA GLN A 59 -4.58 -21.78 -10.02
C GLN A 59 -4.82 -23.15 -10.63
N HIS A 60 -5.44 -23.18 -11.80
CA HIS A 60 -5.70 -24.41 -12.52
C HIS A 60 -4.41 -25.20 -12.77
N ARG A 61 -3.37 -24.50 -13.20
CA ARG A 61 -2.08 -25.13 -13.49
C ARG A 61 -1.40 -25.63 -12.23
N LEU A 62 -1.62 -24.91 -11.12
CA LEU A 62 -1.11 -25.33 -9.82
C LEU A 62 -1.77 -26.64 -9.40
N ASP A 63 -3.08 -26.72 -9.58
CA ASP A 63 -3.84 -27.91 -9.20
C ASP A 63 -3.39 -29.14 -9.98
N GLN A 64 -3.20 -28.98 -11.29
CA GLN A 64 -2.77 -30.09 -12.15
C GLN A 64 -1.33 -30.48 -11.85
N GLY A 65 -0.59 -29.57 -11.23
CA GLY A 65 0.79 -29.83 -10.84
C GLY A 65 1.78 -29.49 -11.94
N GLU A 66 1.52 -28.41 -12.67
CA GLU A 66 2.40 -27.98 -13.74
C GLU A 66 3.33 -26.87 -13.27
N ILE A 67 2.93 -26.19 -12.20
CA ILE A 67 3.77 -25.18 -11.57
C ILE A 67 3.83 -25.43 -10.07
N SER A 68 4.80 -24.80 -9.41
CA SER A 68 4.95 -24.96 -7.97
C SER A 68 4.16 -23.91 -7.20
N ALA A 69 3.89 -24.18 -5.92
CA ALA A 69 3.20 -23.22 -5.07
C ALA A 69 3.95 -21.90 -5.04
N GLY A 70 5.27 -21.99 -5.16
CA GLY A 70 6.11 -20.81 -5.24
C GLY A 70 5.89 -20.05 -6.54
N ASP A 71 5.76 -20.78 -7.65
CA ASP A 71 5.51 -20.14 -8.95
C ASP A 71 4.16 -19.43 -8.94
N ALA A 72 3.17 -20.08 -8.35
CA ALA A 72 1.83 -19.51 -8.27
C ALA A 72 1.79 -18.28 -7.37
N ALA A 73 2.40 -18.39 -6.20
CA ALA A 73 2.42 -17.28 -5.25
C ALA A 73 2.88 -15.98 -5.91
N VAL A 74 3.97 -16.06 -6.66
CA VAL A 74 4.52 -14.90 -7.35
C VAL A 74 3.47 -14.22 -8.24
N VAL A 75 2.84 -15.01 -9.10
CA VAL A 75 1.84 -14.49 -10.01
C VAL A 75 0.62 -13.94 -9.27
N MET A 76 0.07 -14.73 -8.36
CA MET A 76 -1.09 -14.29 -7.60
C MET A 76 -0.82 -12.97 -6.89
N THR A 77 0.38 -12.84 -6.33
CA THR A 77 0.76 -11.63 -5.63
C THR A 77 0.79 -10.46 -6.60
N SER A 78 1.36 -10.68 -7.78
CA SER A 78 1.41 -9.66 -8.82
C SER A 78 0.02 -9.30 -9.34
N ALA A 79 -0.77 -10.33 -9.62
CA ALA A 79 -2.11 -10.14 -10.18
C ALA A 79 -2.98 -9.32 -9.24
N GLN A 80 -2.87 -9.57 -7.94
CA GLN A 80 -3.70 -8.87 -6.95
C GLN A 80 -3.37 -7.37 -6.89
N ILE A 81 -2.14 -7.02 -7.21
CA ILE A 81 -1.74 -5.62 -7.30
C ILE A 81 -2.55 -4.91 -8.38
N THR A 82 -2.56 -5.49 -9.57
CA THR A 82 -3.30 -4.95 -10.69
C THR A 82 -4.78 -4.82 -10.34
N MET A 83 -5.32 -5.86 -9.71
CA MET A 83 -6.74 -5.89 -9.37
C MET A 83 -7.17 -4.73 -8.48
N GLY A 84 -6.37 -4.42 -7.47
CA GLY A 84 -6.74 -3.41 -6.49
C GLY A 84 -6.25 -2.02 -6.79
N MET A 85 -5.54 -1.86 -7.90
CA MET A 85 -5.01 -0.57 -8.31
C MET A 85 -6.10 0.51 -8.42
N PRO A 86 -7.21 0.20 -9.10
CA PRO A 86 -8.27 1.21 -9.25
C PRO A 86 -8.89 1.56 -7.91
N TYR A 87 -8.95 0.61 -6.99
CA TYR A 87 -9.55 0.82 -5.68
C TYR A 87 -8.64 1.71 -4.83
N ALA A 88 -7.35 1.40 -4.83
CA ALA A 88 -6.37 2.16 -4.06
C ALA A 88 -6.28 3.61 -4.51
N VAL A 89 -6.08 3.82 -5.82
CA VAL A 89 -5.99 5.16 -6.37
C VAL A 89 -7.21 6.00 -6.04
N THR A 90 -8.40 5.43 -6.21
CA THR A 90 -9.63 6.14 -5.91
C THR A 90 -9.70 6.57 -4.45
N ASP A 91 -9.27 5.68 -3.55
CA ASP A 91 -9.26 5.99 -2.12
C ASP A 91 -8.29 7.12 -1.80
N ALA A 92 -7.07 7.01 -2.36
CA ALA A 92 -6.01 7.98 -2.08
C ALA A 92 -6.39 9.40 -2.48
N VAL A 93 -7.10 9.54 -3.59
CA VAL A 93 -7.49 10.85 -4.08
C VAL A 93 -8.80 11.32 -3.44
N LEU A 94 -9.59 10.37 -2.96
CA LEU A 94 -10.88 10.69 -2.36
C LEU A 94 -10.72 11.07 -0.90
N ALA A 95 -9.79 10.42 -0.21
CA ALA A 95 -9.63 10.58 1.23
C ALA A 95 -9.65 12.02 1.73
N PRO A 96 -8.77 12.88 1.18
CA PRO A 96 -8.66 14.26 1.68
C PRO A 96 -9.99 15.00 1.75
N HIS A 97 -10.91 14.67 0.84
CA HIS A 97 -12.21 15.32 0.81
C HIS A 97 -13.10 14.89 1.98
N ILE A 98 -12.96 13.64 2.39
CA ILE A 98 -13.78 13.10 3.47
C ILE A 98 -13.51 13.81 4.78
N GLY A 99 -14.53 14.46 5.33
CA GLY A 99 -14.42 15.10 6.62
C GLY A 99 -14.72 14.15 7.75
N GLY A 100 -15.39 14.64 8.79
CA GLY A 100 -15.76 13.82 9.92
C GLY A 100 -17.25 13.47 9.89
N GLU A 101 -17.67 12.59 10.78
CA GLU A 101 -19.08 12.20 10.82
C GLU A 101 -19.99 13.41 10.98
N ALA A 102 -21.22 13.30 10.49
CA ALA A 102 -22.16 14.40 10.52
C ALA A 102 -23.48 13.99 11.13
N GLY A 103 -23.45 13.55 12.38
CA GLY A 103 -24.64 13.07 13.06
C GLY A 103 -25.46 12.16 12.16
N SER A 104 -24.76 11.25 11.47
CA SER A 104 -25.38 10.33 10.53
C SER A 104 -26.69 9.74 11.06
N SER A 105 -27.65 9.55 10.16
CA SER A 105 -28.98 9.06 10.52
C SER A 105 -29.66 10.05 11.47
N HIS A 106 -31.00 10.01 11.50
CA HIS A 106 -31.75 10.94 12.35
C HIS A 106 -31.39 12.37 11.96
N ALA A 107 -30.97 12.55 10.71
CA ALA A 107 -30.52 13.84 10.20
C ALA A 107 -30.91 14.01 8.73
N PRO A 108 -30.84 15.25 8.24
CA PRO A 108 -31.18 15.56 6.84
C PRO A 108 -30.48 14.65 5.84
N PRO A 109 -31.10 14.43 4.67
CA PRO A 109 -30.54 13.61 3.58
C PRO A 109 -29.18 14.13 3.12
N PRO A 110 -28.36 13.26 2.51
CA PRO A 110 -27.03 13.63 2.04
C PRO A 110 -27.09 14.53 0.81
N ALA A 111 -26.11 15.41 0.67
CA ALA A 111 -26.00 16.24 -0.52
C ALA A 111 -25.57 15.40 -1.72
N LEU A 112 -24.99 14.24 -1.42
CA LEU A 112 -24.52 13.32 -2.44
C LEU A 112 -24.37 11.91 -1.88
N THR A 113 -24.63 10.90 -2.71
CA THR A 113 -24.45 9.51 -2.32
C THR A 113 -23.48 8.82 -3.27
N LEU A 114 -22.42 8.25 -2.71
CA LEU A 114 -21.38 7.63 -3.51
C LEU A 114 -21.40 6.12 -3.36
N ILE A 115 -21.76 5.42 -4.43
CA ILE A 115 -21.83 3.97 -4.39
C ILE A 115 -20.68 3.35 -5.18
N PHE A 116 -19.82 2.63 -4.47
CA PHE A 116 -18.68 1.96 -5.10
C PHE A 116 -18.99 0.49 -5.40
N ASP A 117 -18.33 -0.04 -6.42
CA ASP A 117 -18.37 -1.47 -6.66
C ASP A 117 -17.16 -2.11 -5.98
N ARG A 118 -17.26 -2.26 -4.66
CA ARG A 118 -16.24 -2.92 -3.84
C ARG A 118 -15.32 -1.97 -3.09
N HIS A 119 -14.78 -2.45 -1.98
CA HIS A 119 -13.87 -1.69 -1.13
C HIS A 119 -12.45 -2.22 -1.32
N PRO A 120 -11.44 -1.36 -1.13
CA PRO A 120 -10.03 -1.72 -1.31
C PRO A 120 -9.61 -2.98 -0.56
N ILE A 121 -10.34 -3.37 0.48
CA ILE A 121 -10.00 -4.58 1.22
C ILE A 121 -10.37 -5.86 0.46
N ALA A 122 -11.05 -5.69 -0.66
CA ALA A 122 -11.42 -6.84 -1.49
C ALA A 122 -10.20 -7.41 -2.20
N ALA A 123 -9.36 -6.52 -2.73
CA ALA A 123 -8.17 -6.93 -3.48
C ALA A 123 -6.93 -7.02 -2.59
N LEU A 124 -7.01 -6.38 -1.42
CA LEU A 124 -5.88 -6.36 -0.51
C LEU A 124 -5.99 -7.45 0.56
N LEU A 125 -7.21 -7.71 1.01
CA LEU A 125 -7.40 -8.63 2.13
C LEU A 125 -8.12 -9.92 1.75
N CYS A 126 -9.39 -9.79 1.35
CA CYS A 126 -10.26 -10.95 1.18
C CYS A 126 -9.79 -11.97 0.14
N TYR A 127 -9.64 -11.52 -1.10
CA TYR A 127 -9.24 -12.42 -2.18
C TYR A 127 -7.81 -12.96 -2.04
N PRO A 128 -6.88 -12.11 -1.58
CA PRO A 128 -5.54 -12.65 -1.28
C PRO A 128 -5.62 -13.72 -0.20
N ALA A 129 -6.47 -13.50 0.80
CA ALA A 129 -6.62 -14.46 1.89
C ALA A 129 -7.21 -15.78 1.39
N ALA A 130 -8.14 -15.68 0.45
CA ALA A 130 -8.75 -16.87 -0.14
C ALA A 130 -7.72 -17.66 -0.95
N ARG A 131 -6.95 -16.95 -1.77
CA ARG A 131 -5.91 -17.57 -2.57
C ARG A 131 -4.89 -18.28 -1.68
N TYR A 132 -4.67 -17.73 -0.48
CA TYR A 132 -3.83 -18.41 0.49
C TYR A 132 -4.43 -19.75 0.88
N LEU A 133 -5.74 -19.76 1.15
CA LEU A 133 -6.45 -20.99 1.46
C LEU A 133 -6.50 -21.92 0.26
N MET A 134 -6.16 -21.38 -0.91
CA MET A 134 -6.08 -22.17 -2.13
C MET A 134 -4.67 -22.69 -2.34
N GLY A 135 -3.75 -22.24 -1.48
CA GLY A 135 -2.35 -22.64 -1.56
C GLY A 135 -1.62 -21.93 -2.67
N SER A 136 -2.19 -20.83 -3.15
CA SER A 136 -1.60 -20.06 -4.25
C SER A 136 -0.98 -18.75 -3.78
N MET A 137 -1.16 -18.43 -2.50
CA MET A 137 -0.50 -17.26 -1.91
C MET A 137 0.04 -17.55 -0.52
N THR A 138 1.20 -16.98 -0.21
CA THR A 138 1.83 -17.16 1.10
C THR A 138 1.25 -16.17 2.11
N PRO A 139 1.13 -16.59 3.38
CA PRO A 139 0.54 -15.78 4.44
C PRO A 139 1.37 -14.53 4.74
N GLN A 140 2.62 -14.49 4.28
CA GLN A 140 3.45 -13.30 4.41
C GLN A 140 3.00 -12.21 3.44
N ALA A 141 2.75 -12.58 2.18
CA ALA A 141 2.31 -11.61 1.18
C ALA A 141 0.95 -11.03 1.55
N VAL A 142 0.11 -11.84 2.19
CA VAL A 142 -1.21 -11.41 2.61
C VAL A 142 -1.14 -10.34 3.69
N LEU A 143 -0.38 -10.62 4.75
CA LEU A 143 -0.17 -9.65 5.81
C LEU A 143 0.59 -8.43 5.29
N ALA A 144 1.35 -8.62 4.21
CA ALA A 144 2.03 -7.50 3.58
C ALA A 144 1.00 -6.55 3.01
N PHE A 145 -0.01 -7.11 2.34
CA PHE A 145 -1.12 -6.33 1.82
C PHE A 145 -1.87 -5.65 2.95
N VAL A 146 -2.14 -6.40 4.02
CA VAL A 146 -2.85 -5.89 5.18
C VAL A 146 -2.20 -4.61 5.73
N ALA A 147 -0.87 -4.59 5.73
CA ALA A 147 -0.14 -3.43 6.21
C ALA A 147 -0.40 -2.21 5.34
N LEU A 148 -0.71 -2.45 4.07
CA LEU A 148 -0.91 -1.36 3.11
C LEU A 148 -2.37 -0.91 3.00
N ILE A 149 -3.25 -1.53 3.78
CA ILE A 149 -4.65 -1.14 3.80
C ILE A 149 -4.79 0.30 4.29
N PRO A 150 -5.39 1.17 3.47
CA PRO A 150 -5.59 2.57 3.84
C PRO A 150 -6.29 2.71 5.19
N PRO A 151 -5.98 3.78 5.93
CA PRO A 151 -6.63 4.05 7.21
C PRO A 151 -8.13 4.23 7.04
N THR A 152 -8.92 3.53 7.86
CA THR A 152 -10.37 3.59 7.74
C THR A 152 -10.90 4.97 8.13
N LEU A 153 -11.36 5.73 7.14
CA LEU A 153 -11.93 7.05 7.37
C LEU A 153 -13.33 6.91 7.94
N PRO A 154 -13.85 7.97 8.55
CA PRO A 154 -15.23 7.95 9.06
C PRO A 154 -16.25 7.74 7.94
N GLY A 155 -17.36 7.09 8.27
CA GLY A 155 -18.42 6.87 7.30
C GLY A 155 -18.09 5.83 6.25
N THR A 156 -17.37 4.79 6.66
CA THR A 156 -17.03 3.69 5.76
C THR A 156 -18.06 2.56 5.88
N ASN A 157 -19.15 2.68 5.14
CA ASN A 157 -20.21 1.69 5.17
C ASN A 157 -19.96 0.62 4.11
N ILE A 158 -19.99 -0.64 4.53
CA ILE A 158 -19.74 -1.77 3.62
C ILE A 158 -20.86 -2.79 3.66
N VAL A 159 -21.37 -3.13 2.49
CA VAL A 159 -22.46 -4.11 2.38
C VAL A 159 -21.93 -5.45 1.88
N LEU A 160 -22.16 -6.49 2.67
CA LEU A 160 -21.77 -7.85 2.30
C LEU A 160 -23.01 -8.66 1.95
N GLY A 161 -22.86 -9.63 1.04
CA GLY A 161 -23.99 -10.38 0.55
C GLY A 161 -24.29 -11.67 1.30
N ALA A 162 -25.57 -11.99 1.41
CA ALA A 162 -26.01 -13.26 1.99
C ALA A 162 -26.74 -14.09 0.94
N LEU A 163 -26.41 -15.38 0.86
CA LEU A 163 -26.97 -16.24 -0.18
C LEU A 163 -26.55 -17.69 0.04
N PRO A 164 -27.51 -18.61 -0.01
CA PRO A 164 -27.23 -20.05 0.12
C PRO A 164 -26.20 -20.49 -0.92
N GLU A 165 -25.35 -21.44 -0.55
CA GLU A 165 -24.26 -21.86 -1.43
C GLU A 165 -24.77 -22.36 -2.78
N ASP A 166 -25.86 -23.13 -2.76
CA ASP A 166 -26.44 -23.66 -3.98
C ASP A 166 -26.96 -22.57 -4.90
N ARG A 167 -27.58 -21.56 -4.31
CA ARG A 167 -28.08 -20.41 -5.06
C ARG A 167 -26.92 -19.58 -5.64
N HIS A 168 -25.84 -19.47 -4.87
CA HIS A 168 -24.66 -18.74 -5.31
C HIS A 168 -23.98 -19.45 -6.48
N ILE A 169 -23.97 -20.78 -6.42
CA ILE A 169 -23.39 -21.57 -7.49
C ILE A 169 -24.15 -21.38 -8.82
N ASP A 170 -25.47 -21.24 -8.72
CA ASP A 170 -26.29 -21.05 -9.92
C ASP A 170 -25.95 -19.74 -10.61
N ARG A 171 -26.15 -18.64 -9.89
CA ARG A 171 -25.93 -17.31 -10.45
C ARG A 171 -24.49 -17.10 -10.92
N LEU A 172 -23.55 -17.73 -10.24
CA LEU A 172 -22.14 -17.60 -10.59
C LEU A 172 -21.82 -18.29 -11.92
N ALA A 173 -22.49 -19.43 -12.15
CA ALA A 173 -22.23 -20.23 -13.33
C ALA A 173 -22.82 -19.58 -14.58
N LYS A 174 -23.80 -18.72 -14.39
CA LYS A 174 -24.47 -18.04 -15.50
C LYS A 174 -23.85 -16.68 -15.83
N ARG A 175 -23.18 -16.07 -14.86
CA ARG A 175 -22.57 -14.76 -15.06
C ARG A 175 -21.05 -14.82 -14.87
N GLN A 176 -20.41 -15.79 -15.52
CA GLN A 176 -18.95 -15.89 -15.47
C GLN A 176 -18.28 -14.71 -16.13
N ARG A 177 -17.13 -14.31 -15.60
CA ARG A 177 -16.39 -13.19 -16.17
C ARG A 177 -15.29 -13.69 -17.12
N PRO A 178 -14.83 -12.81 -18.03
CA PRO A 178 -13.84 -13.16 -19.05
C PRO A 178 -12.57 -13.77 -18.45
N GLY A 179 -12.26 -15.01 -18.84
CA GLY A 179 -11.06 -15.69 -18.40
C GLY A 179 -11.26 -16.50 -17.13
N GLU A 180 -12.46 -16.40 -16.54
CA GLU A 180 -12.77 -17.08 -15.29
C GLU A 180 -13.14 -18.56 -15.49
N ARG A 181 -12.72 -19.38 -14.54
CA ARG A 181 -13.08 -20.79 -14.53
C ARG A 181 -13.94 -21.08 -13.30
N LEU A 182 -14.93 -21.95 -13.45
CA LEU A 182 -15.84 -22.23 -12.34
C LEU A 182 -15.18 -23.15 -11.32
N ASP A 183 -14.68 -22.56 -10.24
CA ASP A 183 -14.00 -23.31 -9.19
C ASP A 183 -14.80 -23.31 -7.89
N LEU A 184 -15.23 -24.50 -7.48
CA LEU A 184 -16.05 -24.64 -6.28
C LEU A 184 -15.21 -24.46 -5.01
N ALA A 185 -13.97 -24.91 -5.05
CA ALA A 185 -13.05 -24.72 -3.93
C ALA A 185 -12.81 -23.22 -3.68
N MET A 186 -12.61 -22.48 -4.76
CA MET A 186 -12.41 -21.03 -4.66
C MET A 186 -13.67 -20.34 -4.18
N LEU A 187 -14.83 -20.91 -4.53
CA LEU A 187 -16.10 -20.39 -4.07
C LEU A 187 -16.29 -20.61 -2.58
N ALA A 188 -15.78 -21.74 -2.09
CA ALA A 188 -15.89 -22.08 -0.68
C ALA A 188 -14.96 -21.21 0.15
N ALA A 189 -13.75 -21.03 -0.36
CA ALA A 189 -12.72 -20.23 0.30
C ALA A 189 -13.15 -18.77 0.43
N ILE A 190 -13.61 -18.19 -0.67
CA ILE A 190 -13.98 -16.77 -0.67
C ILE A 190 -15.19 -16.51 0.23
N ARG A 191 -16.12 -17.46 0.25
CA ARG A 191 -17.30 -17.37 1.11
C ARG A 191 -16.89 -17.43 2.57
N ARG A 192 -15.95 -18.31 2.88
CA ARG A 192 -15.46 -18.46 4.24
C ARG A 192 -14.76 -17.19 4.72
N VAL A 193 -13.93 -16.62 3.84
CA VAL A 193 -13.22 -15.39 4.17
C VAL A 193 -14.17 -14.27 4.56
N TYR A 194 -15.18 -14.03 3.72
CA TYR A 194 -16.15 -12.98 4.00
C TYR A 194 -17.04 -13.30 5.19
N GLY A 195 -17.25 -14.60 5.44
CA GLY A 195 -17.96 -15.02 6.63
C GLY A 195 -17.20 -14.59 7.86
N LEU A 196 -15.93 -15.01 7.93
CA LEU A 196 -15.04 -14.65 9.02
C LEU A 196 -14.94 -13.13 9.15
N LEU A 197 -14.82 -12.45 8.01
CA LEU A 197 -14.72 -11.00 7.97
C LEU A 197 -15.82 -10.32 8.77
N ALA A 198 -17.07 -10.71 8.51
CA ALA A 198 -18.19 -10.17 9.28
C ALA A 198 -18.05 -10.49 10.76
N ASN A 199 -17.57 -11.70 11.06
CA ASN A 199 -17.37 -12.11 12.45
C ASN A 199 -16.27 -11.30 13.13
N THR A 200 -15.29 -10.89 12.33
CA THR A 200 -14.14 -10.15 12.84
C THR A 200 -14.53 -8.74 13.29
N VAL A 201 -15.31 -8.04 12.47
CA VAL A 201 -15.74 -6.69 12.80
C VAL A 201 -16.57 -6.68 14.09
N ARG A 202 -17.48 -7.64 14.22
CA ARG A 202 -18.28 -7.75 15.44
C ARG A 202 -17.38 -8.07 16.63
N TYR A 203 -16.49 -9.02 16.44
CA TYR A 203 -15.52 -9.39 17.46
C TYR A 203 -14.78 -8.17 18.01
N LEU A 204 -14.26 -7.35 17.09
CA LEU A 204 -13.51 -6.16 17.49
C LEU A 204 -14.43 -5.11 18.13
N GLN A 205 -15.63 -4.97 17.60
CA GLN A 205 -16.56 -3.96 18.10
C GLN A 205 -17.11 -4.31 19.47
N CYS A 206 -17.09 -5.60 19.80
CA CYS A 206 -17.57 -6.05 21.10
C CYS A 206 -16.45 -6.14 22.12
N GLY A 207 -15.28 -5.64 21.76
CA GLY A 207 -14.16 -5.54 22.70
C GLY A 207 -13.12 -6.64 22.58
N GLY A 208 -13.15 -7.38 21.47
CA GLY A 208 -12.23 -8.48 21.27
C GLY A 208 -10.79 -8.04 21.08
N SER A 209 -9.88 -8.73 21.75
CA SER A 209 -8.45 -8.45 21.64
C SER A 209 -7.70 -9.70 21.21
N TRP A 210 -7.22 -9.70 19.97
CA TRP A 210 -6.60 -10.90 19.40
C TRP A 210 -5.39 -11.39 20.17
N ARG A 211 -4.62 -10.46 20.73
CA ARG A 211 -3.46 -10.83 21.52
C ARG A 211 -3.88 -11.55 22.81
N GLU A 212 -5.05 -11.18 23.31
CA GLU A 212 -5.58 -11.75 24.55
C GLU A 212 -6.19 -13.14 24.30
N ASP A 213 -6.95 -13.27 23.22
CA ASP A 213 -7.66 -14.50 22.92
C ASP A 213 -6.85 -15.42 22.01
N TRP A 214 -5.60 -15.05 21.74
CA TRP A 214 -4.76 -15.80 20.81
C TRP A 214 -4.48 -17.22 21.26
N GLY A 215 -4.44 -17.44 22.57
CA GLY A 215 -4.12 -18.74 23.13
C GLY A 215 -5.18 -19.80 22.85
N GLN A 216 -6.40 -19.37 22.56
CA GLN A 216 -7.51 -20.30 22.38
C GLN A 216 -7.43 -21.05 21.05
N LEU A 217 -6.68 -20.50 20.10
CA LEU A 217 -6.52 -21.13 18.80
C LEU A 217 -5.66 -22.38 18.89
N SER A 218 -5.05 -22.60 20.06
CA SER A 218 -4.16 -23.73 20.24
C SER A 218 -4.63 -24.63 21.39
N GLY A 219 -5.47 -24.09 22.26
CA GLY A 219 -5.97 -24.84 23.39
C GLY A 219 -7.48 -24.76 23.53
N PRO A 235 -20.27 -10.72 25.08
CA PRO A 235 -20.70 -11.72 24.09
C PRO A 235 -20.16 -11.40 22.71
N ARG A 236 -19.30 -12.26 22.19
CA ARG A 236 -18.68 -12.04 20.89
C ARG A 236 -18.27 -13.37 20.27
N PRO A 237 -18.02 -13.38 18.95
CA PRO A 237 -17.56 -14.59 18.26
C PRO A 237 -16.27 -15.16 18.86
N HIS A 238 -16.08 -16.46 18.75
CA HIS A 238 -14.82 -17.09 19.16
C HIS A 238 -13.74 -16.67 18.16
N ILE A 239 -12.53 -16.47 18.65
CA ILE A 239 -11.42 -16.03 17.79
C ILE A 239 -11.21 -16.99 16.63
N GLY A 240 -11.62 -18.24 16.82
CA GLY A 240 -11.51 -19.25 15.77
C GLY A 240 -12.50 -19.02 14.65
N ASP A 241 -13.45 -18.12 14.88
CA ASP A 241 -14.45 -17.78 13.88
C ASP A 241 -14.18 -16.41 13.27
N THR A 242 -12.97 -15.90 13.46
CA THR A 242 -12.57 -14.62 12.92
C THR A 242 -11.37 -14.79 12.00
N LEU A 243 -11.05 -13.74 11.24
CA LEU A 243 -9.94 -13.78 10.29
C LEU A 243 -8.60 -14.10 10.94
N PHE A 244 -8.48 -13.84 12.23
CA PHE A 244 -7.23 -14.08 12.95
C PHE A 244 -6.83 -15.55 12.91
N THR A 245 -7.82 -16.42 12.80
CA THR A 245 -7.59 -17.86 12.85
C THR A 245 -6.73 -18.36 11.70
N LEU A 246 -6.82 -17.68 10.55
CA LEU A 246 -6.06 -18.08 9.38
C LEU A 246 -4.56 -17.93 9.60
N PHE A 247 -4.19 -16.94 10.42
CA PHE A 247 -2.79 -16.58 10.58
C PHE A 247 -2.10 -17.35 11.70
N ARG A 248 -2.72 -18.43 12.13
CA ARG A 248 -2.03 -19.40 12.99
C ARG A 248 -1.26 -20.33 12.06
N ALA A 249 -0.54 -19.71 11.13
CA ALA A 249 0.17 -20.45 10.09
C ALA A 249 1.63 -20.66 10.46
N PRO A 250 2.18 -21.83 10.09
CA PRO A 250 3.55 -22.23 10.42
C PRO A 250 4.62 -21.28 9.88
N GLU A 251 4.33 -20.62 8.75
CA GLU A 251 5.30 -19.72 8.15
C GLU A 251 5.50 -18.46 8.98
N LEU A 252 4.53 -18.17 9.84
CA LEU A 252 4.53 -16.94 10.63
C LEU A 252 5.02 -17.15 12.05
N LEU A 253 5.49 -18.36 12.35
CA LEU A 253 5.82 -18.72 13.72
C LEU A 253 7.28 -19.12 13.91
N ALA A 254 7.87 -18.66 15.01
CA ALA A 254 9.24 -19.01 15.36
C ALA A 254 9.30 -20.46 15.82
N PRO A 255 10.51 -21.01 15.95
CA PRO A 255 10.68 -22.40 16.37
C PRO A 255 9.89 -22.76 17.62
N ASN A 256 9.66 -21.78 18.50
CA ASN A 256 8.94 -22.03 19.74
C ASN A 256 7.45 -21.78 19.61
N GLY A 257 6.98 -21.72 18.37
CA GLY A 257 5.56 -21.55 18.10
C GLY A 257 5.07 -20.12 18.25
N ASP A 258 5.96 -19.23 18.67
CA ASP A 258 5.59 -17.84 18.88
C ASP A 258 5.42 -17.07 17.57
N LEU A 259 4.38 -16.25 17.52
CA LEU A 259 4.13 -15.41 16.36
C LEU A 259 5.15 -14.28 16.30
N TYR A 260 5.86 -14.19 15.18
CA TYR A 260 6.86 -13.14 14.98
C TYR A 260 6.22 -11.77 15.13
N ASN A 261 6.97 -10.83 15.72
CA ASN A 261 6.44 -9.51 16.02
C ASN A 261 5.96 -8.72 14.80
N VAL A 262 6.70 -8.81 13.71
CA VAL A 262 6.35 -8.09 12.49
C VAL A 262 4.98 -8.53 11.97
N PHE A 263 4.66 -9.81 12.16
CA PHE A 263 3.37 -10.34 11.77
C PHE A 263 2.31 -9.98 12.80
N ALA A 264 2.72 -9.94 14.06
CA ALA A 264 1.84 -9.57 15.16
C ALA A 264 1.42 -8.11 15.04
N TRP A 265 2.31 -7.30 14.46
CA TRP A 265 2.00 -5.89 14.24
C TRP A 265 1.04 -5.74 13.07
N ALA A 266 1.18 -6.59 12.06
CA ALA A 266 0.29 -6.59 10.91
C ALA A 266 -1.14 -6.92 11.35
N LEU A 267 -1.28 -7.77 12.35
CA LEU A 267 -2.59 -8.12 12.89
C LEU A 267 -3.17 -6.94 13.68
N ASP A 268 -2.29 -6.18 14.34
CA ASP A 268 -2.72 -4.99 15.05
C ASP A 268 -3.36 -4.02 14.07
N VAL A 269 -2.71 -3.85 12.93
CA VAL A 269 -3.20 -2.97 11.86
C VAL A 269 -4.56 -3.45 11.38
N LEU A 270 -4.64 -4.74 11.05
CA LEU A 270 -5.89 -5.35 10.64
C LEU A 270 -7.00 -5.04 11.63
N ALA A 271 -6.74 -5.28 12.92
CA ALA A 271 -7.73 -5.02 13.96
C ALA A 271 -8.18 -3.55 13.99
N LYS A 272 -7.26 -2.66 13.68
CA LYS A 272 -7.54 -1.23 13.70
C LYS A 272 -8.37 -0.81 12.49
N ARG A 273 -8.06 -1.41 11.35
CA ARG A 273 -8.77 -1.13 10.12
C ARG A 273 -10.22 -1.62 10.16
N LEU A 274 -10.42 -2.86 10.58
CA LEU A 274 -11.74 -3.48 10.48
C LEU A 274 -12.75 -2.99 11.52
N ARG A 275 -12.27 -2.53 12.66
CA ARG A 275 -13.15 -2.17 13.76
C ARG A 275 -14.06 -0.99 13.47
N SER A 276 -13.50 0.05 12.84
CA SER A 276 -14.23 1.30 12.63
C SER A 276 -15.16 1.26 11.41
N MET A 277 -15.10 0.17 10.66
CA MET A 277 -15.98 -0.03 9.51
C MET A 277 -17.41 -0.33 9.94
N HIS A 278 -18.37 -0.03 9.07
CA HIS A 278 -19.77 -0.32 9.37
C HIS A 278 -20.31 -1.35 8.38
N VAL A 279 -20.60 -2.56 8.87
CA VAL A 279 -21.00 -3.66 8.00
C VAL A 279 -22.52 -3.83 7.90
N PHE A 280 -23.02 -3.98 6.69
CA PHE A 280 -24.43 -4.24 6.45
C PHE A 280 -24.62 -5.44 5.53
N ILE A 281 -25.50 -6.36 5.89
CA ILE A 281 -25.71 -7.57 5.09
C ILE A 281 -26.92 -7.48 4.16
N LEU A 282 -26.70 -7.75 2.89
CA LEU A 282 -27.75 -7.71 1.87
C LEU A 282 -28.16 -9.12 1.44
N ASP A 283 -29.40 -9.49 1.72
CA ASP A 283 -29.93 -10.79 1.32
C ASP A 283 -30.10 -10.85 -0.19
N TYR A 284 -29.22 -11.59 -0.86
CA TYR A 284 -29.25 -11.68 -2.32
C TYR A 284 -30.22 -12.75 -2.81
N ASP A 285 -30.89 -13.44 -1.89
CA ASP A 285 -31.81 -14.50 -2.25
C ASP A 285 -33.19 -13.94 -2.59
N GLN A 286 -33.24 -13.21 -3.70
CA GLN A 286 -34.49 -12.63 -4.19
C GLN A 286 -34.29 -12.02 -5.58
N SER A 287 -35.30 -11.32 -6.06
CA SER A 287 -35.25 -10.71 -7.39
C SER A 287 -34.41 -9.43 -7.39
N PRO A 288 -33.91 -9.03 -8.56
CA PRO A 288 -33.09 -7.83 -8.71
C PRO A 288 -33.78 -6.60 -8.12
N ALA A 289 -35.08 -6.46 -8.39
CA ALA A 289 -35.85 -5.35 -7.84
C ALA A 289 -35.89 -5.44 -6.31
N GLY A 290 -35.95 -6.68 -5.81
CA GLY A 290 -35.95 -6.92 -4.38
C GLY A 290 -34.62 -6.56 -3.75
N CYS A 291 -33.54 -6.79 -4.48
CA CYS A 291 -32.20 -6.46 -4.02
C CYS A 291 -31.98 -4.95 -3.97
N ARG A 292 -32.42 -4.27 -5.02
CA ARG A 292 -32.29 -2.83 -5.10
C ARG A 292 -33.03 -2.14 -3.95
N ASP A 293 -34.21 -2.66 -3.61
CA ASP A 293 -35.00 -2.09 -2.53
C ASP A 293 -34.30 -2.28 -1.19
N ALA A 294 -33.90 -3.52 -0.92
CA ALA A 294 -33.22 -3.85 0.33
C ALA A 294 -31.99 -2.97 0.55
N LEU A 295 -31.23 -2.77 -0.52
CA LEU A 295 -30.07 -1.88 -0.48
C LEU A 295 -30.50 -0.48 -0.12
N LEU A 296 -31.65 -0.07 -0.63
CA LEU A 296 -32.15 1.28 -0.38
C LEU A 296 -32.61 1.38 1.08
N GLN A 297 -33.03 0.25 1.65
CA GLN A 297 -33.45 0.21 3.04
C GLN A 297 -32.27 0.40 3.99
N LEU A 298 -31.18 -0.29 3.70
CA LEU A 298 -29.99 -0.30 4.55
C LEU A 298 -29.34 1.07 4.70
N THR A 299 -29.61 1.97 3.76
CA THR A 299 -28.99 3.29 3.74
C THR A 299 -29.41 4.15 4.93
N SER A 300 -30.58 3.85 5.50
CA SER A 300 -31.12 4.62 6.61
C SER A 300 -30.42 4.29 7.93
N GLY A 301 -29.43 3.41 7.86
CA GLY A 301 -28.65 3.06 9.05
C GLY A 301 -27.16 3.24 8.81
N MET A 302 -26.80 3.70 7.63
CA MET A 302 -25.41 3.90 7.27
C MET A 302 -24.92 5.28 7.72
N VAL A 303 -23.62 5.38 7.94
CA VAL A 303 -23.02 6.59 8.50
C VAL A 303 -22.63 7.60 7.42
N GLN A 304 -23.14 8.82 7.55
CA GLN A 304 -22.78 9.91 6.65
C GLN A 304 -21.64 10.72 7.26
N THR A 305 -21.00 11.56 6.45
CA THR A 305 -19.94 12.44 6.93
C THR A 305 -20.03 13.80 6.23
N HIS A 306 -19.33 14.78 6.79
CA HIS A 306 -19.19 16.07 6.12
C HIS A 306 -18.01 15.99 5.15
N VAL A 307 -17.97 16.92 4.20
CA VAL A 307 -16.82 17.03 3.33
C VAL A 307 -15.96 18.23 3.77
N THR A 308 -14.73 18.28 3.30
CA THR A 308 -13.79 19.29 3.77
C THR A 308 -13.88 20.63 3.06
N THR A 309 -14.24 20.61 1.78
CA THR A 309 -14.35 21.86 1.01
C THR A 309 -15.69 21.95 0.29
N PRO A 310 -16.07 23.18 -0.11
CA PRO A 310 -17.32 23.39 -0.86
C PRO A 310 -17.29 22.66 -2.20
N GLY A 311 -16.17 22.77 -2.92
CA GLY A 311 -16.02 22.16 -4.21
C GLY A 311 -15.73 20.68 -4.15
N SER A 312 -15.79 20.10 -2.95
CA SER A 312 -15.57 18.68 -2.77
C SER A 312 -16.60 17.86 -3.54
N ILE A 313 -17.87 18.24 -3.41
CA ILE A 313 -18.96 17.50 -4.04
C ILE A 313 -18.80 17.33 -5.55
N PRO A 314 -18.60 18.45 -6.28
CA PRO A 314 -18.44 18.36 -7.72
C PRO A 314 -17.17 17.60 -8.11
N THR A 315 -16.11 17.75 -7.33
CA THR A 315 -14.86 17.05 -7.60
C THR A 315 -15.06 15.54 -7.49
N ILE A 316 -15.84 15.13 -6.49
CA ILE A 316 -16.15 13.73 -6.31
C ILE A 316 -17.00 13.20 -7.47
N CYS A 317 -18.11 13.87 -7.73
CA CYS A 317 -18.98 13.50 -8.85
C CYS A 317 -18.18 13.39 -10.13
N ASP A 318 -17.33 14.39 -10.38
CA ASP A 318 -16.48 14.39 -11.55
C ASP A 318 -15.55 13.17 -11.56
N LEU A 319 -14.90 12.94 -10.42
CA LEU A 319 -14.02 11.80 -10.26
C LEU A 319 -14.73 10.50 -10.60
N ALA A 320 -15.89 10.29 -9.97
CA ALA A 320 -16.65 9.06 -10.14
C ALA A 320 -17.02 8.78 -11.59
N ARG A 321 -17.50 9.79 -12.29
CA ARG A 321 -17.94 9.62 -13.68
C ARG A 321 -16.78 9.47 -14.66
N THR A 322 -15.62 10.00 -14.29
CA THR A 322 -14.42 9.82 -15.11
C THR A 322 -13.95 8.37 -14.98
N PHE A 323 -14.07 7.83 -13.77
CA PHE A 323 -13.74 6.44 -13.50
C PHE A 323 -14.65 5.53 -14.32
N ALA A 324 -15.96 5.67 -14.10
CA ALA A 324 -16.97 4.86 -14.78
C ALA A 324 -16.81 4.88 -16.30
N ARG A 325 -16.45 6.04 -16.84
CA ARG A 325 -16.35 6.22 -18.28
C ARG A 325 -15.07 5.61 -18.85
N GLU A 326 -14.02 5.56 -18.05
CA GLU A 326 -12.71 5.11 -18.53
C GLU A 326 -12.44 3.63 -18.27
N MET A 327 -12.79 3.17 -17.08
CA MET A 327 -12.50 1.78 -16.70
C MET A 327 -13.76 0.93 -16.65
N GLY A 328 -14.91 1.58 -16.50
CA GLY A 328 -16.18 0.89 -16.56
C GLY A 328 -16.39 0.27 -17.92
N GLU A 329 -17.25 -0.73 -17.99
CA GLU A 329 -17.50 -1.44 -19.24
C GLU A 329 -18.43 -0.65 -20.15
N MET B 1 3.46 17.84 25.98
CA MET B 1 3.86 16.60 25.30
C MET B 1 5.30 16.71 24.81
N PRO B 2 6.10 15.69 25.12
CA PRO B 2 7.50 15.66 24.71
C PRO B 2 7.63 15.58 23.19
N THR B 3 8.71 16.13 22.65
CA THR B 3 8.91 16.18 21.21
C THR B 3 9.65 14.96 20.69
N LEU B 4 9.59 14.77 19.37
CA LEU B 4 10.21 13.61 18.73
C LEU B 4 10.81 13.99 17.37
N LEU B 5 11.97 13.44 17.07
CA LEU B 5 12.62 13.68 15.78
C LEU B 5 12.79 12.37 15.03
N ARG B 6 12.06 12.21 13.93
CA ARG B 6 12.21 11.02 13.08
C ARG B 6 13.10 11.30 11.88
N VAL B 7 14.16 10.53 11.74
CA VAL B 7 15.10 10.71 10.64
C VAL B 7 15.28 9.43 9.83
N TYR B 8 14.78 9.45 8.61
CA TYR B 8 14.93 8.32 7.70
C TYR B 8 16.18 8.49 6.85
N ILE B 9 17.13 7.58 7.01
CA ILE B 9 18.37 7.65 6.23
C ILE B 9 18.24 6.78 4.98
N ASP B 10 17.90 7.41 3.86
CA ASP B 10 17.68 6.68 2.62
C ASP B 10 18.77 6.95 1.58
N GLY B 11 18.44 6.69 0.33
CA GLY B 11 19.37 6.88 -0.77
C GLY B 11 19.84 5.57 -1.35
N PRO B 12 20.62 5.63 -2.44
CA PRO B 12 21.15 4.42 -3.07
C PRO B 12 22.12 3.70 -2.13
N HIS B 13 22.01 2.37 -2.06
CA HIS B 13 22.87 1.58 -1.20
C HIS B 13 24.32 1.59 -1.69
N GLY B 14 25.26 1.40 -0.77
CA GLY B 14 26.66 1.29 -1.12
C GLY B 14 27.43 2.59 -1.02
N MET B 15 26.92 3.53 -0.24
CA MET B 15 27.57 4.83 -0.07
C MET B 15 28.15 5.00 1.34
N GLY B 16 27.80 4.08 2.24
CA GLY B 16 28.22 4.17 3.62
C GLY B 16 27.08 4.63 4.50
N LYS B 17 25.86 4.30 4.10
CA LYS B 17 24.67 4.73 4.80
C LYS B 17 24.62 4.15 6.21
N THR B 18 24.85 2.85 6.32
CA THR B 18 24.75 2.17 7.61
C THR B 18 25.81 2.65 8.57
N THR B 19 27.06 2.69 8.12
CA THR B 19 28.17 3.08 8.98
C THR B 19 27.98 4.48 9.55
N THR B 20 27.50 5.39 8.71
CA THR B 20 27.21 6.75 9.13
C THR B 20 26.17 6.75 10.25
N THR B 21 25.18 5.88 10.11
CA THR B 21 24.09 5.80 11.08
C THR B 21 24.57 5.22 12.41
N GLN B 22 25.19 4.05 12.33
CA GLN B 22 25.70 3.37 13.52
C GLN B 22 26.59 4.29 14.34
N LEU B 23 27.47 5.04 13.67
CA LEU B 23 28.37 5.95 14.35
C LEU B 23 27.62 7.08 15.05
N LEU B 24 26.55 7.56 14.42
CA LEU B 24 25.75 8.64 14.99
C LEU B 24 25.03 8.17 16.24
N VAL B 25 24.48 6.96 16.18
CA VAL B 25 23.78 6.39 17.32
C VAL B 25 24.75 6.15 18.47
N ALA B 26 25.99 5.84 18.14
CA ALA B 26 27.01 5.53 19.14
C ALA B 26 27.40 6.77 19.95
N LEU B 27 27.04 7.95 19.46
CA LEU B 27 27.37 9.20 20.14
C LEU B 27 26.39 9.51 21.27
N GLY B 28 25.11 9.28 21.04
CA GLY B 28 24.08 9.59 22.01
C GLY B 28 24.00 8.60 23.15
N SER B 29 23.30 8.99 24.21
CA SER B 29 23.06 8.11 25.34
C SER B 29 22.36 6.83 24.88
N ARG B 30 22.25 5.86 25.77
CA ARG B 30 21.66 4.57 25.43
C ARG B 30 20.19 4.71 25.02
N ASP B 31 19.43 5.53 25.74
CA ASP B 31 17.99 5.63 25.51
C ASP B 31 17.49 7.05 25.26
N ASP B 32 18.28 7.85 24.55
CA ASP B 32 17.81 9.17 24.10
C ASP B 32 17.75 9.19 22.58
N ILE B 33 18.20 8.10 21.97
CA ILE B 33 18.15 7.91 20.52
C ILE B 33 18.12 6.42 20.20
N VAL B 34 17.29 6.02 19.25
CA VAL B 34 17.16 4.61 18.90
C VAL B 34 17.19 4.38 17.39
N TYR B 35 17.91 3.35 16.98
CA TYR B 35 18.08 3.04 15.57
C TYR B 35 17.16 1.90 15.12
N VAL B 36 16.31 2.19 14.15
CA VAL B 36 15.50 1.16 13.51
C VAL B 36 16.26 0.63 12.31
N PRO B 37 16.92 -0.52 12.49
CA PRO B 37 17.92 -1.03 11.55
C PRO B 37 17.36 -1.73 10.33
N GLU B 38 18.23 -1.94 9.34
CA GLU B 38 17.90 -2.69 8.14
C GLU B 38 17.41 -4.08 8.51
N PRO B 39 16.25 -4.48 7.97
CA PRO B 39 15.64 -5.77 8.28
C PRO B 39 16.10 -6.88 7.35
N MET B 40 17.41 -7.13 7.32
CA MET B 40 17.97 -8.17 6.46
C MET B 40 17.36 -9.54 6.75
N THR B 41 17.09 -9.80 8.02
CA THR B 41 16.55 -11.09 8.44
C THR B 41 15.18 -11.38 7.84
N TYR B 42 14.39 -10.32 7.66
CA TYR B 42 13.07 -10.48 7.05
C TYR B 42 13.17 -10.77 5.56
N TRP B 43 14.13 -10.13 4.91
CA TRP B 43 14.36 -10.35 3.49
C TRP B 43 14.94 -11.73 3.24
N ARG B 44 15.60 -12.29 4.26
CA ARG B 44 16.36 -13.52 4.07
C ARG B 44 15.61 -14.78 4.51
N VAL B 45 14.76 -14.64 5.53
CA VAL B 45 14.08 -15.81 6.09
C VAL B 45 12.60 -15.55 6.37
N LEU B 46 12.32 -14.66 7.32
CA LEU B 46 10.96 -14.45 7.80
C LEU B 46 9.93 -14.17 6.70
N GLY B 47 10.24 -13.22 5.82
CA GLY B 47 9.34 -12.88 4.74
C GLY B 47 9.40 -13.85 3.57
N ALA B 48 10.60 -14.32 3.27
CA ALA B 48 10.81 -15.27 2.18
C ALA B 48 12.24 -15.82 2.23
N SER B 49 12.64 -16.57 1.21
CA SER B 49 13.97 -17.15 1.18
C SER B 49 14.92 -16.37 0.27
N GLU B 50 15.90 -15.71 0.89
CA GLU B 50 16.93 -14.97 0.16
C GLU B 50 16.33 -14.07 -0.93
N THR B 51 15.67 -12.99 -0.50
CA THR B 51 14.97 -12.11 -1.43
C THR B 51 15.95 -11.32 -2.30
N ILE B 52 17.09 -10.93 -1.73
CA ILE B 52 18.11 -10.21 -2.48
C ILE B 52 18.68 -11.08 -3.60
N ALA B 53 18.99 -12.33 -3.27
CA ALA B 53 19.49 -13.27 -4.27
C ALA B 53 18.46 -13.44 -5.38
N ASN B 54 17.21 -13.63 -5.00
CA ASN B 54 16.13 -13.79 -5.98
C ASN B 54 16.03 -12.60 -6.93
N ILE B 55 16.07 -11.39 -6.38
CA ILE B 55 15.99 -10.16 -7.17
C ILE B 55 17.08 -10.06 -8.24
N TYR B 56 18.33 -10.19 -7.83
CA TYR B 56 19.46 -10.05 -8.75
C TYR B 56 19.60 -11.23 -9.71
N THR B 57 19.28 -12.43 -9.24
CA THR B 57 19.30 -13.60 -10.10
C THR B 57 18.31 -13.42 -11.24
N THR B 58 17.14 -12.88 -10.92
CA THR B 58 16.10 -12.63 -11.92
C THR B 58 16.55 -11.64 -12.98
N GLN B 59 17.05 -10.49 -12.52
CA GLN B 59 17.55 -9.46 -13.44
C GLN B 59 18.62 -10.02 -14.36
N HIS B 60 19.47 -10.88 -13.82
CA HIS B 60 20.54 -11.49 -14.59
C HIS B 60 19.98 -12.36 -15.71
N ARG B 61 19.13 -13.31 -15.34
CA ARG B 61 18.51 -14.21 -16.32
C ARG B 61 17.76 -13.44 -17.40
N LEU B 62 17.07 -12.38 -17.02
CA LEU B 62 16.35 -11.54 -17.98
C LEU B 62 17.33 -10.95 -18.97
N ASP B 63 18.47 -10.47 -18.48
CA ASP B 63 19.48 -9.87 -19.32
C ASP B 63 20.05 -10.89 -20.31
N GLN B 64 20.16 -12.13 -19.87
CA GLN B 64 20.71 -13.19 -20.72
C GLN B 64 19.64 -13.74 -21.66
N GLY B 65 18.40 -13.31 -21.46
CA GLY B 65 17.30 -13.76 -22.28
C GLY B 65 16.79 -15.14 -21.91
N GLU B 66 17.15 -15.61 -20.73
CA GLU B 66 16.72 -16.92 -20.26
C GLU B 66 15.26 -16.91 -19.83
N ILE B 67 14.78 -15.73 -19.45
CA ILE B 67 13.37 -15.57 -19.10
C ILE B 67 12.81 -14.32 -19.77
N SER B 68 11.49 -14.22 -19.83
CA SER B 68 10.83 -13.13 -20.52
C SER B 68 10.61 -11.92 -19.61
N ALA B 69 10.20 -10.81 -20.20
CA ALA B 69 9.93 -9.59 -19.44
C ALA B 69 8.76 -9.80 -18.48
N GLY B 70 7.74 -10.52 -18.94
CA GLY B 70 6.58 -10.82 -18.12
C GLY B 70 6.95 -11.67 -16.91
N ASP B 71 7.83 -12.65 -17.14
CA ASP B 71 8.29 -13.52 -16.05
C ASP B 71 9.07 -12.71 -15.02
N ALA B 72 9.99 -11.87 -15.50
CA ALA B 72 10.81 -11.07 -14.62
C ALA B 72 9.98 -10.06 -13.85
N ALA B 73 8.90 -9.58 -14.47
CA ALA B 73 8.04 -8.56 -13.88
C ALA B 73 7.26 -9.09 -12.67
N VAL B 74 6.71 -10.29 -12.79
CA VAL B 74 5.90 -10.86 -11.73
C VAL B 74 6.74 -11.20 -10.51
N VAL B 75 8.00 -11.54 -10.74
CA VAL B 75 8.92 -11.87 -9.67
C VAL B 75 9.38 -10.61 -8.95
N MET B 76 9.69 -9.58 -9.71
CA MET B 76 10.14 -8.32 -9.13
C MET B 76 9.04 -7.68 -8.29
N THR B 77 7.83 -7.64 -8.83
CA THR B 77 6.70 -7.04 -8.11
C THR B 77 6.51 -7.71 -6.76
N SER B 78 6.57 -9.03 -6.74
CA SER B 78 6.41 -9.79 -5.51
C SER B 78 7.54 -9.52 -4.54
N ALA B 79 8.77 -9.51 -5.06
CA ALA B 79 9.95 -9.30 -4.22
C ALA B 79 9.92 -7.92 -3.55
N GLN B 80 9.45 -6.93 -4.29
CA GLN B 80 9.36 -5.57 -3.79
C GLN B 80 8.26 -5.41 -2.75
N ILE B 81 7.32 -6.36 -2.73
CA ILE B 81 6.31 -6.38 -1.68
C ILE B 81 6.96 -6.85 -0.38
N THR B 82 7.78 -7.89 -0.51
CA THR B 82 8.50 -8.46 0.63
C THR B 82 9.51 -7.47 1.20
N MET B 83 10.20 -6.76 0.30
CA MET B 83 11.21 -5.80 0.71
C MET B 83 10.61 -4.67 1.54
N GLY B 84 9.43 -4.21 1.14
CA GLY B 84 8.82 -3.05 1.77
C GLY B 84 8.00 -3.40 3.01
N MET B 85 7.76 -4.68 3.22
CA MET B 85 6.90 -5.13 4.32
C MET B 85 7.26 -4.51 5.67
N PRO B 86 8.50 -4.74 6.14
CA PRO B 86 8.87 -4.21 7.45
C PRO B 86 8.71 -2.68 7.50
N TYR B 87 9.04 -2.00 6.40
CA TYR B 87 8.94 -0.56 6.33
C TYR B 87 7.49 -0.10 6.50
N ALA B 88 6.59 -0.74 5.76
CA ALA B 88 5.18 -0.34 5.74
C ALA B 88 4.48 -0.57 7.07
N VAL B 89 4.76 -1.70 7.71
CA VAL B 89 4.07 -2.06 8.95
C VAL B 89 4.55 -1.22 10.13
N THR B 90 5.83 -0.86 10.11
CA THR B 90 6.39 -0.02 11.16
C THR B 90 5.70 1.33 11.16
N ASP B 91 5.48 1.87 9.97
CA ASP B 91 4.82 3.16 9.81
C ASP B 91 3.38 3.10 10.31
N ALA B 92 2.68 2.02 9.96
CA ALA B 92 1.29 1.85 10.31
C ALA B 92 1.04 1.89 11.82
N VAL B 93 1.90 1.23 12.58
CA VAL B 93 1.77 1.19 14.03
C VAL B 93 2.37 2.43 14.68
N LEU B 94 3.11 3.20 13.90
CA LEU B 94 3.78 4.39 14.41
C LEU B 94 2.87 5.62 14.26
N ALA B 95 2.10 5.65 13.18
CA ALA B 95 1.28 6.82 12.82
C ALA B 95 0.52 7.45 13.98
N PRO B 96 -0.29 6.65 14.70
CA PRO B 96 -1.14 7.21 15.75
C PRO B 96 -0.38 7.99 16.82
N HIS B 97 0.89 7.64 17.01
CA HIS B 97 1.72 8.27 18.04
C HIS B 97 2.27 9.63 17.61
N ILE B 98 2.15 9.94 16.32
CA ILE B 98 2.71 11.18 15.78
C ILE B 98 1.69 12.32 15.83
N GLY B 99 2.11 13.45 16.42
CA GLY B 99 1.26 14.63 16.50
C GLY B 99 1.70 15.72 15.54
N GLY B 100 1.43 16.97 15.90
CA GLY B 100 1.77 18.10 15.05
C GLY B 100 3.24 18.48 15.11
N GLU B 101 3.65 19.38 14.23
CA GLU B 101 5.05 19.81 14.18
C GLU B 101 5.44 20.71 15.35
N ALA B 102 6.71 20.64 15.74
CA ALA B 102 7.25 21.51 16.77
C ALA B 102 8.30 22.43 16.19
N GLY B 103 9.20 21.86 15.38
CA GLY B 103 10.23 22.64 14.71
C GLY B 103 11.62 22.40 15.24
N SER B 104 12.62 22.73 14.44
CA SER B 104 14.02 22.58 14.84
C SER B 104 14.67 23.94 15.05
N SER B 105 14.55 24.80 14.05
CA SER B 105 15.09 26.15 14.12
C SER B 105 14.71 26.82 15.44
N HIS B 106 15.67 26.88 16.36
CA HIS B 106 15.41 27.39 17.71
C HIS B 106 14.28 26.64 18.40
N ALA B 107 14.61 25.45 18.91
CA ALA B 107 13.66 24.62 19.64
C ALA B 107 14.41 23.60 20.49
N PRO B 108 13.95 23.37 21.72
CA PRO B 108 14.58 22.46 22.68
C PRO B 108 14.84 21.08 22.08
N PRO B 109 15.79 20.33 22.67
CA PRO B 109 16.13 18.97 22.23
C PRO B 109 14.91 18.05 22.32
N PRO B 110 14.87 17.03 21.45
CA PRO B 110 13.78 16.04 21.45
C PRO B 110 13.95 15.00 22.55
N ALA B 111 12.86 14.65 23.22
CA ALA B 111 12.93 13.63 24.26
C ALA B 111 13.43 12.30 23.69
N LEU B 112 13.32 12.16 22.37
CA LEU B 112 13.74 10.94 21.68
C LEU B 112 14.00 11.20 20.19
N THR B 113 15.03 10.57 19.66
CA THR B 113 15.33 10.67 18.24
C THR B 113 15.25 9.29 17.59
N LEU B 114 14.38 9.17 16.60
CA LEU B 114 14.22 7.91 15.89
C LEU B 114 14.98 7.93 14.57
N ILE B 115 15.92 7.00 14.42
CA ILE B 115 16.66 6.89 13.17
C ILE B 115 16.27 5.62 12.41
N PHE B 116 15.76 5.80 11.21
CA PHE B 116 15.29 4.67 10.41
C PHE B 116 16.31 4.28 9.34
N ASP B 117 16.40 2.98 9.08
CA ASP B 117 17.16 2.51 7.92
C ASP B 117 16.20 2.46 6.74
N ARG B 118 16.12 3.56 6.01
CA ARG B 118 15.27 3.69 4.83
C ARG B 118 13.83 4.09 5.15
N HIS B 119 13.13 4.58 4.13
CA HIS B 119 11.74 4.98 4.23
C HIS B 119 10.90 4.14 3.27
N PRO B 120 9.63 3.89 3.61
CA PRO B 120 8.73 3.08 2.77
C PRO B 120 8.85 3.36 1.27
N ILE B 121 8.94 4.63 0.89
CA ILE B 121 9.02 4.99 -0.53
C ILE B 121 10.18 4.32 -1.25
N ALA B 122 11.18 3.89 -0.49
CA ALA B 122 12.34 3.21 -1.06
C ALA B 122 11.94 1.91 -1.77
N ALA B 123 11.05 1.14 -1.14
CA ALA B 123 10.65 -0.15 -1.67
C ALA B 123 9.34 -0.07 -2.46
N LEU B 124 8.66 1.06 -2.33
CA LEU B 124 7.39 1.26 -3.00
C LEU B 124 7.48 2.23 -4.18
N LEU B 125 8.67 2.77 -4.43
CA LEU B 125 8.84 3.74 -5.49
C LEU B 125 10.22 3.73 -6.14
N CYS B 126 11.24 4.08 -5.36
CA CYS B 126 12.58 4.25 -5.92
C CYS B 126 13.09 3.01 -6.64
N TYR B 127 13.21 1.91 -5.92
CA TYR B 127 13.73 0.67 -6.49
C TYR B 127 12.78 0.03 -7.52
N PRO B 128 11.46 0.08 -7.25
CA PRO B 128 10.50 -0.38 -8.27
C PRO B 128 10.67 0.41 -9.57
N ALA B 129 10.85 1.71 -9.45
CA ALA B 129 11.06 2.57 -10.62
C ALA B 129 12.39 2.25 -11.31
N ALA B 130 13.42 1.99 -10.52
CA ALA B 130 14.72 1.64 -11.09
C ALA B 130 14.64 0.36 -11.90
N ARG B 131 13.82 -0.58 -11.45
CA ARG B 131 13.63 -1.83 -12.16
C ARG B 131 12.85 -1.62 -13.46
N TYR B 132 11.96 -0.64 -13.45
CA TYR B 132 11.25 -0.26 -14.66
C TYR B 132 12.25 0.24 -15.72
N LEU B 133 13.25 1.00 -15.28
CA LEU B 133 14.29 1.47 -16.18
C LEU B 133 15.17 0.33 -16.67
N MET B 134 14.97 -0.85 -16.08
CA MET B 134 15.73 -2.03 -16.48
C MET B 134 14.87 -3.04 -17.22
N GLY B 135 13.62 -2.64 -17.49
CA GLY B 135 12.69 -3.49 -18.21
C GLY B 135 12.28 -4.71 -17.41
N SER B 136 12.49 -4.66 -16.10
CA SER B 136 12.16 -5.78 -15.22
C SER B 136 10.85 -5.54 -14.47
N MET B 137 10.23 -4.38 -14.70
CA MET B 137 8.92 -4.08 -14.12
C MET B 137 8.13 -3.15 -15.03
N THR B 138 6.83 -3.03 -14.78
CA THR B 138 5.96 -2.20 -15.61
C THR B 138 5.61 -0.88 -14.93
N PRO B 139 5.38 0.18 -15.73
CA PRO B 139 4.99 1.48 -15.19
C PRO B 139 3.65 1.41 -14.47
N GLN B 140 2.77 0.53 -14.95
CA GLN B 140 1.48 0.30 -14.31
C GLN B 140 1.69 -0.23 -12.89
N ALA B 141 2.57 -1.20 -12.75
CA ALA B 141 2.85 -1.80 -11.46
C ALA B 141 3.46 -0.79 -10.50
N VAL B 142 4.47 -0.07 -10.97
CA VAL B 142 5.12 0.96 -10.16
C VAL B 142 4.11 1.98 -9.64
N LEU B 143 3.26 2.50 -10.53
CA LEU B 143 2.25 3.46 -10.14
C LEU B 143 1.27 2.85 -9.13
N ALA B 144 1.03 1.55 -9.28
CA ALA B 144 0.18 0.83 -8.33
C ALA B 144 0.81 0.87 -6.94
N PHE B 145 2.14 0.78 -6.90
CA PHE B 145 2.87 0.92 -5.65
C PHE B 145 2.75 2.34 -5.10
N VAL B 146 2.87 3.32 -5.98
CA VAL B 146 2.79 4.72 -5.59
C VAL B 146 1.47 5.03 -4.89
N ALA B 147 0.39 4.45 -5.39
CA ALA B 147 -0.93 4.68 -4.80
C ALA B 147 -1.04 4.00 -3.43
N LEU B 148 -0.12 3.08 -3.14
CA LEU B 148 -0.13 2.37 -1.87
C LEU B 148 0.74 3.05 -0.82
N ILE B 149 1.56 4.00 -1.26
CA ILE B 149 2.41 4.75 -0.34
C ILE B 149 1.55 5.41 0.74
N PRO B 150 1.85 5.11 2.02
CA PRO B 150 1.07 5.60 3.15
C PRO B 150 1.13 7.11 3.25
N PRO B 151 0.11 7.72 3.87
CA PRO B 151 0.07 9.18 4.06
C PRO B 151 1.33 9.66 4.75
N THR B 152 1.91 10.76 4.25
CA THR B 152 3.12 11.31 4.84
C THR B 152 2.84 12.03 6.15
N LEU B 153 3.38 11.50 7.24
CA LEU B 153 3.21 12.09 8.57
C LEU B 153 4.00 13.39 8.68
N PRO B 154 3.57 14.28 9.58
CA PRO B 154 4.30 15.51 9.85
C PRO B 154 5.73 15.21 10.31
N GLY B 155 6.66 16.11 10.01
CA GLY B 155 8.05 15.94 10.43
C GLY B 155 8.71 14.70 9.85
N THR B 156 8.45 14.44 8.57
CA THR B 156 9.10 13.33 7.89
C THR B 156 10.40 13.80 7.26
N ASN B 157 11.50 13.64 7.99
CA ASN B 157 12.80 14.07 7.51
C ASN B 157 13.56 12.95 6.83
N ILE B 158 13.75 13.07 5.52
CA ILE B 158 14.46 12.05 4.76
C ILE B 158 15.84 12.54 4.33
N VAL B 159 16.84 11.69 4.51
CA VAL B 159 18.20 12.02 4.14
C VAL B 159 18.70 11.17 2.99
N LEU B 160 18.97 11.82 1.85
CA LEU B 160 19.51 11.14 0.68
C LEU B 160 21.03 11.29 0.63
N GLY B 161 21.67 10.54 -0.24
CA GLY B 161 23.13 10.55 -0.29
C GLY B 161 23.74 11.05 -1.59
N ALA B 162 24.85 11.76 -1.47
CA ALA B 162 25.59 12.24 -2.63
C ALA B 162 26.98 11.63 -2.67
N LEU B 163 27.36 11.10 -3.83
CA LEU B 163 28.64 10.46 -4.01
C LEU B 163 28.96 10.29 -5.48
N PRO B 164 30.16 10.76 -5.90
CA PRO B 164 30.62 10.61 -7.28
C PRO B 164 30.45 9.17 -7.76
N GLU B 165 30.08 9.00 -9.03
CA GLU B 165 29.80 7.68 -9.57
C GLU B 165 30.95 6.69 -9.36
N ASP B 166 32.17 7.12 -9.70
CA ASP B 166 33.34 6.27 -9.55
C ASP B 166 33.58 5.86 -8.11
N ARG B 167 33.53 6.83 -7.21
CA ARG B 167 33.69 6.57 -5.78
C ARG B 167 32.62 5.59 -5.30
N HIS B 168 31.42 5.71 -5.86
CA HIS B 168 30.30 4.85 -5.47
C HIS B 168 30.48 3.45 -6.03
N ILE B 169 30.94 3.37 -7.28
CA ILE B 169 31.22 2.09 -7.92
C ILE B 169 32.27 1.29 -7.13
N ASP B 170 33.38 1.95 -6.81
CA ASP B 170 34.43 1.32 -6.03
C ASP B 170 33.93 0.89 -4.66
N ARG B 171 33.24 1.80 -3.98
CA ARG B 171 32.75 1.52 -2.64
C ARG B 171 31.78 0.35 -2.64
N LEU B 172 30.88 0.33 -3.62
CA LEU B 172 29.91 -0.74 -3.73
C LEU B 172 30.57 -2.08 -4.05
N ALA B 173 31.57 -2.05 -4.93
CA ALA B 173 32.25 -3.27 -5.36
C ALA B 173 32.83 -4.04 -4.18
N LYS B 174 33.18 -3.32 -3.13
CA LYS B 174 33.81 -3.92 -1.96
C LYS B 174 32.81 -4.63 -1.04
N ARG B 175 31.77 -3.90 -0.63
CA ARG B 175 30.75 -4.45 0.25
C ARG B 175 29.41 -4.59 -0.46
N GLN B 176 28.91 -5.83 -0.51
CA GLN B 176 27.62 -6.10 -1.13
C GLN B 176 26.78 -7.01 -0.24
N ARG B 177 25.46 -6.90 -0.36
CA ARG B 177 24.55 -7.70 0.46
C ARG B 177 24.62 -9.16 0.03
N PRO B 178 24.19 -10.06 0.92
CA PRO B 178 24.15 -11.49 0.58
C PRO B 178 23.12 -11.78 -0.51
N GLY B 179 23.58 -12.27 -1.66
CA GLY B 179 22.70 -12.60 -2.77
C GLY B 179 22.73 -11.55 -3.86
N GLU B 180 23.50 -10.50 -3.64
CA GLU B 180 23.60 -9.40 -4.60
C GLU B 180 24.61 -9.69 -5.70
N ARG B 181 24.42 -9.07 -6.85
CA ARG B 181 25.39 -9.18 -7.94
C ARG B 181 25.84 -7.79 -8.39
N LEU B 182 26.97 -7.73 -9.07
CA LEU B 182 27.55 -6.45 -9.46
C LEU B 182 26.95 -5.94 -10.78
N ASP B 183 25.90 -5.14 -10.66
CA ASP B 183 25.22 -4.57 -11.81
C ASP B 183 25.45 -3.07 -11.87
N LEU B 184 26.24 -2.63 -12.85
CA LEU B 184 26.51 -1.21 -13.04
C LEU B 184 25.32 -0.50 -13.67
N ALA B 185 24.59 -1.21 -14.54
CA ALA B 185 23.42 -0.63 -15.17
C ALA B 185 22.35 -0.34 -14.12
N MET B 186 22.23 -1.24 -13.14
CA MET B 186 21.27 -1.05 -12.05
C MET B 186 21.68 0.11 -11.17
N LEU B 187 22.98 0.24 -10.93
CA LEU B 187 23.51 1.33 -10.11
C LEU B 187 23.16 2.67 -10.73
N ALA B 188 23.34 2.78 -12.04
CA ALA B 188 22.99 4.00 -12.76
C ALA B 188 21.51 4.30 -12.58
N ALA B 189 20.67 3.31 -12.86
CA ALA B 189 19.22 3.47 -12.74
C ALA B 189 18.82 3.97 -11.37
N ILE B 190 19.27 3.28 -10.33
CA ILE B 190 18.92 3.65 -8.95
C ILE B 190 19.45 5.03 -8.58
N ARG B 191 20.65 5.36 -9.06
CA ARG B 191 21.24 6.67 -8.82
C ARG B 191 20.42 7.76 -9.51
N ARG B 192 20.02 7.50 -10.75
CA ARG B 192 19.22 8.46 -11.51
C ARG B 192 17.88 8.69 -10.82
N VAL B 193 17.30 7.62 -10.30
CA VAL B 193 15.99 7.69 -9.65
C VAL B 193 16.02 8.60 -8.42
N TYR B 194 17.04 8.43 -7.58
CA TYR B 194 17.18 9.25 -6.38
C TYR B 194 17.57 10.69 -6.69
N GLY B 195 18.17 10.90 -7.85
CA GLY B 195 18.44 12.23 -8.33
C GLY B 195 17.13 12.92 -8.66
N LEU B 196 16.31 12.23 -9.45
CA LEU B 196 14.98 12.73 -9.81
C LEU B 196 14.13 12.99 -8.57
N LEU B 197 14.07 12.01 -7.67
CA LEU B 197 13.31 12.14 -6.44
C LEU B 197 13.59 13.47 -5.75
N ALA B 198 14.87 13.75 -5.50
CA ALA B 198 15.28 15.00 -4.86
C ALA B 198 14.71 16.20 -5.60
N ASN B 199 14.87 16.21 -6.92
CA ASN B 199 14.37 17.28 -7.76
C ASN B 199 12.85 17.41 -7.69
N THR B 200 12.18 16.26 -7.68
CA THR B 200 10.74 16.22 -7.63
C THR B 200 10.21 16.90 -6.37
N VAL B 201 10.96 16.76 -5.28
CA VAL B 201 10.54 17.35 -4.01
C VAL B 201 10.67 18.86 -4.05
N ARG B 202 11.83 19.33 -4.52
CA ARG B 202 12.09 20.75 -4.67
C ARG B 202 11.08 21.36 -5.64
N TYR B 203 10.91 20.70 -6.78
CA TYR B 203 9.93 21.08 -7.79
C TYR B 203 8.55 21.27 -7.16
N LEU B 204 8.11 20.29 -6.38
CA LEU B 204 6.81 20.35 -5.73
C LEU B 204 6.73 21.49 -4.72
N GLN B 205 7.82 21.71 -3.99
CA GLN B 205 7.82 22.71 -2.92
C GLN B 205 7.96 24.12 -3.47
N CYS B 206 8.25 24.23 -4.76
CA CYS B 206 8.36 25.52 -5.43
C CYS B 206 7.07 25.87 -6.15
N GLY B 207 6.00 25.14 -5.84
CA GLY B 207 4.70 25.39 -6.45
C GLY B 207 4.50 24.67 -7.77
N GLY B 208 5.43 23.78 -8.11
CA GLY B 208 5.33 23.01 -9.34
C GLY B 208 4.06 22.19 -9.42
N SER B 209 3.53 22.07 -10.63
CA SER B 209 2.30 21.30 -10.88
C SER B 209 2.45 20.44 -12.13
N TRP B 210 2.58 19.12 -11.95
CA TRP B 210 2.84 18.23 -13.07
C TRP B 210 1.78 18.32 -14.16
N ARG B 211 0.53 18.57 -13.76
CA ARG B 211 -0.56 18.72 -14.72
C ARG B 211 -0.38 19.96 -15.58
N GLU B 212 0.22 21.00 -14.99
CA GLU B 212 0.41 22.28 -15.66
C GLU B 212 1.63 22.27 -16.58
N ASP B 213 2.59 21.40 -16.29
CA ASP B 213 3.82 21.35 -17.08
C ASP B 213 3.98 20.06 -17.87
N TRP B 214 2.99 19.19 -17.79
CA TRP B 214 3.04 17.90 -18.48
C TRP B 214 3.40 18.04 -19.97
N GLY B 215 2.85 19.06 -20.61
CA GLY B 215 3.10 19.29 -22.03
C GLY B 215 4.55 19.60 -22.35
N GLN B 216 5.29 20.03 -21.33
CA GLN B 216 6.71 20.33 -21.49
C GLN B 216 7.53 19.05 -21.61
N LEU B 217 6.85 17.90 -21.57
CA LEU B 217 7.50 16.62 -21.77
C LEU B 217 7.21 16.07 -23.16
N SER B 218 8.27 15.70 -23.87
CA SER B 218 8.13 15.15 -25.21
C SER B 218 9.46 14.59 -25.70
N GLY B 219 10.43 15.48 -25.89
CA GLY B 219 11.76 15.08 -26.33
C GLY B 219 12.63 14.66 -25.15
N PRO B 229 21.68 17.97 -8.61
CA PRO B 229 20.39 17.84 -7.95
C PRO B 229 20.47 18.20 -6.46
N GLN B 230 19.39 18.74 -5.92
CA GLN B 230 19.36 19.15 -4.52
C GLN B 230 17.95 19.53 -4.08
N SER B 231 17.70 19.41 -2.77
CA SER B 231 16.44 19.86 -2.18
C SER B 231 16.75 20.84 -1.06
N ASN B 232 15.72 21.56 -0.60
CA ASN B 232 15.90 22.61 0.40
C ASN B 232 16.60 23.85 -0.16
N ALA B 233 17.09 23.75 -1.40
CA ALA B 233 17.82 24.84 -2.03
C ALA B 233 17.75 24.77 -3.55
N GLY B 234 17.97 25.91 -4.20
CA GLY B 234 18.00 25.99 -5.64
C GLY B 234 16.70 26.51 -6.24
N PRO B 235 16.73 26.80 -7.55
CA PRO B 235 15.54 27.27 -8.28
C PRO B 235 14.59 26.10 -8.61
N ARG B 236 13.44 26.41 -9.18
CA ARG B 236 12.48 25.37 -9.55
C ARG B 236 12.98 24.58 -10.76
N PRO B 237 13.09 23.26 -10.61
CA PRO B 237 13.57 22.35 -11.66
C PRO B 237 12.58 22.17 -12.80
N HIS B 238 13.11 21.77 -13.96
CA HIS B 238 12.29 21.41 -15.10
C HIS B 238 11.63 20.06 -14.81
N ILE B 239 10.38 19.90 -15.24
CA ILE B 239 9.66 18.66 -14.99
C ILE B 239 10.36 17.45 -15.60
N GLY B 240 11.10 17.68 -16.68
CA GLY B 240 11.85 16.62 -17.34
C GLY B 240 13.00 16.13 -16.50
N ASP B 241 13.22 16.81 -15.37
CA ASP B 241 14.29 16.45 -14.45
C ASP B 241 13.73 15.91 -13.13
N THR B 242 12.43 15.64 -13.10
CA THR B 242 11.79 15.08 -11.92
C THR B 242 11.21 13.69 -12.22
N LEU B 243 10.74 13.02 -11.18
CA LEU B 243 10.22 11.66 -11.30
C LEU B 243 9.11 11.54 -12.35
N PHE B 244 8.36 12.62 -12.56
CA PHE B 244 7.24 12.61 -13.49
C PHE B 244 7.68 12.21 -14.90
N THR B 245 8.90 12.56 -15.26
CA THR B 245 9.40 12.34 -16.62
C THR B 245 9.47 10.85 -16.98
N LEU B 246 9.44 10.00 -15.97
CA LEU B 246 9.54 8.56 -16.19
C LEU B 246 8.28 7.94 -16.77
N PHE B 247 7.13 8.53 -16.44
CA PHE B 247 5.85 7.94 -16.80
C PHE B 247 5.28 8.48 -18.10
N ARG B 248 6.17 8.92 -18.99
CA ARG B 248 5.79 9.30 -20.34
C ARG B 248 5.89 8.06 -21.24
N ALA B 249 5.25 6.98 -20.79
CA ALA B 249 5.35 5.69 -21.46
C ALA B 249 4.10 5.35 -22.27
N PRO B 250 4.28 4.54 -23.33
CA PRO B 250 3.19 4.13 -24.24
C PRO B 250 2.07 3.36 -23.54
N GLU B 251 2.43 2.51 -22.58
CA GLU B 251 1.45 1.67 -21.91
C GLU B 251 0.46 2.49 -21.09
N LEU B 252 0.83 3.72 -20.78
CA LEU B 252 0.02 4.57 -19.91
C LEU B 252 -0.75 5.65 -20.69
N LEU B 253 -0.48 5.74 -21.98
CA LEU B 253 -1.10 6.77 -22.82
C LEU B 253 -2.30 6.26 -23.61
N ALA B 254 -3.36 7.06 -23.62
CA ALA B 254 -4.56 6.75 -24.39
C ALA B 254 -4.36 7.14 -25.85
N PRO B 255 -5.33 6.78 -26.72
CA PRO B 255 -5.25 7.12 -28.15
C PRO B 255 -4.89 8.59 -28.37
N ASN B 256 -5.56 9.51 -27.67
CA ASN B 256 -5.34 10.94 -27.84
C ASN B 256 -4.00 11.44 -27.28
N GLY B 257 -3.12 10.50 -26.94
CA GLY B 257 -1.78 10.84 -26.48
C GLY B 257 -1.68 11.25 -25.01
N ASP B 258 -2.83 11.42 -24.37
CA ASP B 258 -2.85 11.80 -22.96
C ASP B 258 -2.84 10.60 -22.03
N LEU B 259 -2.43 10.84 -20.79
CA LEU B 259 -2.44 9.80 -19.77
C LEU B 259 -3.86 9.36 -19.44
N TYR B 260 -4.04 8.06 -19.23
CA TYR B 260 -5.29 7.57 -18.68
C TYR B 260 -5.46 8.18 -17.31
N ASN B 261 -6.69 8.58 -16.99
CA ASN B 261 -6.95 9.27 -15.73
C ASN B 261 -6.54 8.45 -14.50
N VAL B 262 -6.51 7.13 -14.65
CA VAL B 262 -6.16 6.25 -13.55
C VAL B 262 -4.69 6.42 -13.18
N PHE B 263 -3.86 6.70 -14.17
CA PHE B 263 -2.43 6.93 -13.94
C PHE B 263 -2.17 8.39 -13.57
N ALA B 264 -3.03 9.28 -14.04
CA ALA B 264 -2.92 10.70 -13.71
C ALA B 264 -3.19 10.91 -12.23
N TRP B 265 -4.14 10.14 -11.70
CA TRP B 265 -4.48 10.21 -10.28
C TRP B 265 -3.35 9.63 -9.43
N ALA B 266 -2.64 8.66 -9.99
CA ALA B 266 -1.49 8.09 -9.31
C ALA B 266 -0.40 9.14 -9.13
N LEU B 267 -0.24 10.00 -10.16
CA LEU B 267 0.74 11.07 -10.09
C LEU B 267 0.30 12.15 -9.10
N ASP B 268 -1.01 12.29 -8.94
CA ASP B 268 -1.54 13.23 -7.95
C ASP B 268 -1.21 12.75 -6.54
N VAL B 269 -1.23 11.44 -6.35
CA VAL B 269 -0.87 10.85 -5.06
C VAL B 269 0.62 10.99 -4.82
N LEU B 270 1.41 10.74 -5.87
CA LEU B 270 2.86 10.86 -5.77
C LEU B 270 3.28 12.25 -5.32
N ALA B 271 2.62 13.26 -5.87
CA ALA B 271 2.89 14.66 -5.54
C ALA B 271 2.43 14.99 -4.12
N LYS B 272 1.26 14.46 -3.76
CA LYS B 272 0.69 14.72 -2.44
C LYS B 272 1.62 14.15 -1.37
N ARG B 273 2.22 13.01 -1.67
CA ARG B 273 3.10 12.32 -0.72
C ARG B 273 4.44 13.02 -0.51
N LEU B 274 5.02 13.55 -1.59
CA LEU B 274 6.35 14.14 -1.52
C LEU B 274 6.38 15.61 -1.11
N ARG B 275 5.33 16.34 -1.42
CA ARG B 275 5.33 17.78 -1.24
C ARG B 275 5.40 18.20 0.22
N SER B 276 5.25 17.24 1.14
CA SER B 276 5.24 17.56 2.56
C SER B 276 6.39 16.90 3.32
N MET B 277 7.31 16.31 2.56
CA MET B 277 8.50 15.70 3.15
C MET B 277 9.62 16.73 3.31
N HIS B 278 10.51 16.47 4.26
CA HIS B 278 11.68 17.31 4.48
C HIS B 278 12.94 16.57 4.04
N VAL B 279 13.34 16.81 2.79
CA VAL B 279 14.46 16.09 2.20
C VAL B 279 15.79 16.83 2.35
N PHE B 280 16.83 16.08 2.71
CA PHE B 280 18.18 16.64 2.88
C PHE B 280 19.16 15.75 2.11
N ILE B 281 20.33 16.31 1.79
CA ILE B 281 21.34 15.54 1.08
C ILE B 281 22.67 15.51 1.82
N LEU B 282 23.21 14.31 2.02
CA LEU B 282 24.47 14.15 2.73
C LEU B 282 25.59 13.77 1.77
N ASP B 283 26.73 14.44 1.91
CA ASP B 283 27.87 14.18 1.06
C ASP B 283 28.69 13.02 1.61
N TYR B 284 28.45 11.83 1.05
CA TYR B 284 29.13 10.61 1.50
C TYR B 284 30.55 10.49 0.96
N ASP B 285 31.09 11.58 0.44
CA ASP B 285 32.44 11.54 -0.12
C ASP B 285 33.47 12.00 0.92
N GLN B 286 33.57 11.26 2.01
CA GLN B 286 34.50 11.60 3.09
C GLN B 286 34.66 10.43 4.06
N SER B 287 35.43 10.64 5.11
CA SER B 287 35.65 9.58 6.10
C SER B 287 34.39 9.33 6.92
N PRO B 288 34.22 8.09 7.40
CA PRO B 288 33.07 7.71 8.22
C PRO B 288 32.84 8.69 9.36
N ALA B 289 33.92 9.12 10.01
CA ALA B 289 33.83 10.09 11.09
C ALA B 289 33.26 11.40 10.58
N GLY B 290 33.74 11.83 9.41
CA GLY B 290 33.24 13.03 8.78
C GLY B 290 31.75 12.94 8.49
N CYS B 291 31.34 11.83 7.90
CA CYS B 291 29.94 11.61 7.57
C CYS B 291 29.07 11.68 8.82
N ARG B 292 29.52 11.01 9.88
CA ARG B 292 28.81 11.03 11.15
C ARG B 292 28.60 12.47 11.62
N ASP B 293 29.65 13.28 11.55
CA ASP B 293 29.57 14.67 11.97
C ASP B 293 28.71 15.49 11.01
N ALA B 294 28.85 15.23 9.71
CA ALA B 294 28.07 15.92 8.70
C ALA B 294 26.58 15.70 8.94
N LEU B 295 26.18 14.44 9.07
CA LEU B 295 24.80 14.10 9.37
C LEU B 295 24.36 14.72 10.70
N LEU B 296 25.32 14.88 11.61
CA LEU B 296 25.01 15.42 12.93
C LEU B 296 24.62 16.89 12.84
N GLN B 297 25.34 17.66 12.04
CA GLN B 297 25.00 19.06 11.83
C GLN B 297 23.69 19.16 11.08
N LEU B 298 23.48 18.23 10.16
CA LEU B 298 22.27 18.20 9.34
C LEU B 298 21.02 18.08 10.21
N THR B 299 21.09 17.21 11.21
CA THR B 299 19.93 16.93 12.07
C THR B 299 19.52 18.14 12.90
N SER B 300 20.38 19.13 12.99
CA SER B 300 20.10 20.32 13.80
C SER B 300 18.87 21.06 13.29
N GLY B 301 18.76 21.15 11.97
CA GLY B 301 17.64 21.84 11.35
C GLY B 301 16.60 20.89 10.78
N MET B 302 16.17 19.93 11.59
CA MET B 302 15.16 18.97 11.15
C MET B 302 13.88 19.07 11.96
N VAL B 303 12.75 19.17 11.26
CA VAL B 303 11.46 19.37 11.90
C VAL B 303 11.11 18.24 12.87
N GLN B 304 10.82 18.62 14.11
CA GLN B 304 10.37 17.68 15.12
C GLN B 304 8.85 17.70 15.20
N THR B 305 8.26 16.75 15.92
CA THR B 305 6.82 16.71 16.13
C THR B 305 6.49 16.31 17.56
N HIS B 306 5.29 16.67 18.01
CA HIS B 306 4.81 16.23 19.31
C HIS B 306 4.31 14.80 19.22
N VAL B 307 4.30 14.09 20.34
CA VAL B 307 3.67 12.78 20.40
C VAL B 307 2.23 12.96 20.84
N THR B 308 1.43 11.91 20.72
CA THR B 308 0.00 12.02 21.02
C THR B 308 -0.34 11.64 22.46
N THR B 309 0.53 10.85 23.09
CA THR B 309 0.34 10.47 24.48
C THR B 309 1.66 10.45 25.25
N PRO B 310 1.58 10.67 26.57
CA PRO B 310 2.78 10.64 27.42
C PRO B 310 3.51 9.31 27.31
N GLY B 311 2.75 8.21 27.21
CA GLY B 311 3.34 6.89 27.13
C GLY B 311 3.69 6.45 25.72
N SER B 312 3.75 7.41 24.80
CA SER B 312 4.12 7.13 23.42
C SER B 312 5.61 6.84 23.29
N ILE B 313 6.42 7.65 23.97
CA ILE B 313 7.88 7.53 23.89
C ILE B 313 8.39 6.13 24.22
N PRO B 314 8.06 5.62 25.43
CA PRO B 314 8.53 4.28 25.79
C PRO B 314 8.01 3.23 24.80
N THR B 315 6.78 3.41 24.35
CA THR B 315 6.18 2.49 23.39
C THR B 315 7.01 2.42 22.12
N ILE B 316 7.44 3.57 21.63
CA ILE B 316 8.23 3.63 20.40
C ILE B 316 9.62 3.04 20.60
N CYS B 317 10.17 3.19 21.80
CA CYS B 317 11.47 2.59 22.11
C CYS B 317 11.38 1.07 22.08
N ASP B 318 10.35 0.53 22.71
CA ASP B 318 10.10 -0.90 22.69
C ASP B 318 9.88 -1.37 21.26
N LEU B 319 9.12 -0.60 20.50
CA LEU B 319 8.86 -0.90 19.09
C LEU B 319 10.16 -1.02 18.31
N ALA B 320 10.99 0.02 18.41
CA ALA B 320 12.26 0.05 17.70
C ALA B 320 13.21 -1.08 18.10
N ARG B 321 13.28 -1.37 19.39
CA ARG B 321 14.20 -2.40 19.89
C ARG B 321 13.74 -3.82 19.55
N THR B 322 12.43 -4.05 19.62
CA THR B 322 11.88 -5.34 19.23
C THR B 322 12.13 -5.58 17.74
N PHE B 323 11.93 -4.53 16.95
CA PHE B 323 12.21 -4.57 15.52
C PHE B 323 13.66 -4.96 15.28
N ALA B 324 14.57 -4.27 15.97
CA ALA B 324 16.00 -4.52 15.81
C ALA B 324 16.37 -5.94 16.22
N ARG B 325 15.83 -6.38 17.35
CA ARG B 325 16.15 -7.70 17.90
C ARG B 325 15.69 -8.83 16.99
N GLU B 326 14.58 -8.62 16.31
CA GLU B 326 13.99 -9.67 15.49
C GLU B 326 14.49 -9.65 14.05
N MET B 327 14.34 -8.52 13.39
CA MET B 327 14.69 -8.41 11.98
C MET B 327 16.09 -7.85 11.72
N GLY B 328 16.79 -7.49 12.80
CA GLY B 328 18.15 -7.02 12.68
C GLY B 328 19.12 -8.14 12.40
N GLU B 329 20.18 -7.84 11.67
CA GLU B 329 21.20 -8.85 11.33
C GLU B 329 21.87 -9.41 12.57
#